data_5IF3
#
_entry.id   5IF3
#
_cell.length_a   77.960
_cell.length_b   85.780
_cell.length_c   128.640
_cell.angle_alpha   90.000
_cell.angle_beta   90.000
_cell.angle_gamma   90.000
#
_symmetry.space_group_name_H-M   'C 2 2 21'
#
loop_
_entity.id
_entity.type
_entity.pdbx_description
1 polymer 'Short-chain dehydrogenase/reductase SDR'
2 water water
#
_entity_poly.entity_id   1
_entity_poly.type   'polypeptide(L)'
_entity_poly.pdbx_seq_one_letter_code
;MAHHHHHHMNATACAPRVRAIVTGHTRGLGASLAEQLLQQDIAVLGVSRSRHPSLAATAGDRLVETELDLSDTAAVAAWL
AGGALRSFVDGASLVLLFNNAGVVDPIGPLAAQDPALVARAVALNVAAPLMLSAALVQAAAAPTECRVLHVSSGAARNAY
AGWSVYCATKAALDHHARAVALDANRALRICSVAPGVVDTGMQATIRSTSEANFPMREKFDALKASGALSTPDEAARHLI
RYALSDAFGAEPTADVRNLPAG
;
_entity_poly.pdbx_strand_id   A,B
#
# COMPACT_ATOMS: atom_id res chain seq x y z
N CYS A 14 -18.40 32.02 10.72
CA CYS A 14 -17.14 32.72 10.48
C CYS A 14 -15.96 31.79 10.66
N ALA A 15 -16.12 30.55 10.20
CA ALA A 15 -15.05 29.56 10.30
C ALA A 15 -13.82 30.03 9.52
N PRO A 16 -12.63 29.58 9.91
CA PRO A 16 -11.44 29.91 9.11
C PRO A 16 -11.61 29.43 7.68
N ARG A 17 -11.15 30.25 6.73
CA ARG A 17 -11.27 29.91 5.33
C ARG A 17 -10.21 28.91 4.88
N VAL A 18 -9.07 28.84 5.54
CA VAL A 18 -8.08 27.81 5.29
C VAL A 18 -8.25 26.73 6.35
N ARG A 19 -8.33 25.47 5.94
CA ARG A 19 -8.63 24.39 6.86
C ARG A 19 -7.71 23.23 6.55
N ALA A 20 -7.54 22.33 7.52
CA ALA A 20 -6.61 21.23 7.34
C ALA A 20 -7.16 19.98 8.02
N ILE A 21 -6.85 18.84 7.44
CA ILE A 21 -7.16 17.54 8.04
C ILE A 21 -5.84 16.94 8.48
N VAL A 22 -5.75 16.53 9.74
CA VAL A 22 -4.54 15.91 10.26
C VAL A 22 -4.92 14.55 10.85
N THR A 23 -4.40 13.47 10.25
CA THR A 23 -4.65 12.15 10.80
C THR A 23 -3.59 11.84 11.86
N GLY A 24 -4.01 11.15 12.93
CA GLY A 24 -3.09 10.85 14.00
C GLY A 24 -2.59 12.10 14.71
N HIS A 25 -3.51 12.99 15.07
CA HIS A 25 -3.19 14.32 15.60
C HIS A 25 -2.94 14.36 17.10
N THR A 26 -2.97 13.21 17.80
CA THR A 26 -2.94 13.25 19.26
C THR A 26 -1.55 13.16 19.85
N ARG A 27 -0.54 12.81 19.06
CA ARG A 27 0.80 12.67 19.59
C ARG A 27 1.79 12.88 18.45
N GLY A 28 3.04 13.13 18.83
CA GLY A 28 4.09 13.14 17.82
C GLY A 28 3.94 14.26 16.81
N LEU A 29 4.34 13.95 15.57
CA LEU A 29 4.27 14.94 14.50
C LEU A 29 2.84 15.43 14.28
N GLY A 30 1.87 14.51 14.33
CA GLY A 30 0.48 14.92 14.12
C GLY A 30 0.02 15.94 15.14
N ALA A 31 0.45 15.77 16.38
CA ALA A 31 0.09 16.75 17.41
C ALA A 31 0.76 18.08 17.14
N SER A 32 2.05 18.08 16.78
CA SER A 32 2.72 19.33 16.45
C SER A 32 2.06 20.01 15.26
N LEU A 33 1.68 19.25 14.23
CA LEU A 33 0.98 19.81 13.09
C LEU A 33 -0.33 20.47 13.51
N ALA A 34 -1.16 19.72 14.24
CA ALA A 34 -2.47 20.25 14.65
C ALA A 34 -2.32 21.50 15.50
N GLU A 35 -1.39 21.47 16.46
CA GLU A 35 -1.18 22.61 17.35
C GLU A 35 -0.76 23.86 16.57
N GLN A 36 0.20 23.71 15.65
CA GLN A 36 0.72 24.88 14.95
C GLN A 36 -0.27 25.40 13.93
N LEU A 37 -1.00 24.51 13.25
CA LEU A 37 -2.04 24.96 12.32
C LEU A 37 -3.06 25.82 13.04
N LEU A 38 -3.52 25.37 14.21
CA LEU A 38 -4.52 26.13 14.95
C LEU A 38 -3.94 27.45 15.46
N GLN A 39 -2.67 27.44 15.86
CA GLN A 39 -2.00 28.67 16.26
CA GLN A 39 -2.01 28.68 16.26
C GLN A 39 -2.06 29.71 15.14
N GLN A 40 -1.92 29.28 13.89
CA GLN A 40 -1.91 30.14 12.72
C GLN A 40 -3.29 30.34 12.09
N ASP A 41 -4.35 30.08 12.86
CA ASP A 41 -5.69 30.45 12.39
CA ASP A 41 -5.77 30.32 12.51
C ASP A 41 -6.19 29.50 11.29
N ILE A 42 -5.69 28.27 11.24
CA ILE A 42 -6.18 27.27 10.29
C ILE A 42 -7.00 26.23 11.07
N ALA A 43 -8.27 26.06 10.70
CA ALA A 43 -9.11 25.05 11.34
C ALA A 43 -8.57 23.65 11.08
N VAL A 44 -8.74 22.75 12.06
CA VAL A 44 -8.20 21.40 11.95
C VAL A 44 -9.29 20.36 12.21
N LEU A 45 -9.40 19.40 11.29
CA LEU A 45 -10.16 18.17 11.52
C LEU A 45 -9.13 17.11 11.92
N GLY A 46 -9.13 16.72 13.20
CA GLY A 46 -8.23 15.70 13.67
C GLY A 46 -8.92 14.35 13.60
N VAL A 47 -8.25 13.38 12.97
CA VAL A 47 -8.83 12.05 12.75
C VAL A 47 -7.90 11.03 13.40
N SER A 48 -8.35 10.42 14.49
CA SER A 48 -7.54 9.51 15.28
CA SER A 48 -7.55 9.49 15.25
C SER A 48 -8.47 8.61 16.08
N ARG A 49 -7.90 7.54 16.65
CA ARG A 49 -8.71 6.67 17.50
C ARG A 49 -9.07 7.33 18.81
N SER A 50 -8.23 8.25 19.28
CA SER A 50 -8.47 8.96 20.53
C SER A 50 -8.52 10.47 20.26
N ARG A 51 -8.64 11.24 21.33
CA ARG A 51 -8.68 12.69 21.21
C ARG A 51 -7.39 13.27 21.77
N HIS A 52 -7.08 14.48 21.31
CA HIS A 52 -5.89 15.15 21.82
C HIS A 52 -6.12 15.54 23.26
N PRO A 53 -5.15 15.30 24.15
CA PRO A 53 -5.39 15.52 25.58
C PRO A 53 -5.91 16.91 25.95
N SER A 54 -5.45 17.95 25.26
CA SER A 54 -5.66 19.33 25.72
C SER A 54 -5.90 20.34 24.61
N LEU A 55 -5.71 19.98 23.34
CA LEU A 55 -5.79 20.97 22.28
C LEU A 55 -7.19 21.54 22.15
N ALA A 56 -8.22 20.75 22.47
CA ALA A 56 -9.59 21.26 22.40
C ALA A 56 -9.79 22.45 23.33
N ALA A 57 -9.19 22.40 24.52
CA ALA A 57 -9.37 23.49 25.48
C ALA A 57 -8.65 24.76 25.04
N THR A 58 -7.56 24.61 24.30
CA THR A 58 -6.80 25.73 23.76
C THR A 58 -7.46 26.28 22.49
N ALA A 59 -7.88 25.39 21.59
CA ALA A 59 -8.29 25.80 20.26
C ALA A 59 -9.80 26.01 20.13
N GLY A 60 -10.60 25.44 21.02
CA GLY A 60 -12.03 25.64 20.91
C GLY A 60 -12.60 24.91 19.70
N ASP A 61 -13.71 25.43 19.20
CA ASP A 61 -14.45 24.78 18.12
C ASP A 61 -13.71 24.80 16.79
N ARG A 62 -12.57 25.48 16.69
CA ARG A 62 -11.78 25.43 15.46
C ARG A 62 -11.10 24.09 15.27
N LEU A 63 -11.03 23.30 16.33
CA LEU A 63 -10.60 21.90 16.25
C LEU A 63 -11.85 21.03 16.28
N VAL A 64 -12.00 20.20 15.25
CA VAL A 64 -13.03 19.19 15.17
C VAL A 64 -12.32 17.84 15.26
N GLU A 65 -12.75 16.99 16.19
CA GLU A 65 -12.09 15.71 16.42
C GLU A 65 -13.03 14.57 16.05
N THR A 66 -12.56 13.69 15.18
CA THR A 66 -13.32 12.51 14.77
C THR A 66 -12.64 11.27 15.32
N GLU A 67 -13.41 10.42 16.00
CA GLU A 67 -12.92 9.14 16.51
CA GLU A 67 -12.89 9.16 16.49
C GLU A 67 -13.09 8.10 15.41
N LEU A 68 -11.99 7.68 14.81
CA LEU A 68 -12.02 6.74 13.69
C LEU A 68 -10.76 5.88 13.74
N ASP A 69 -10.93 4.56 13.55
CA ASP A 69 -9.81 3.65 13.40
C ASP A 69 -9.46 3.60 11.92
N LEU A 70 -8.43 4.34 11.52
CA LEU A 70 -8.05 4.41 10.12
C LEU A 70 -7.44 3.12 9.60
N SER A 71 -7.15 2.15 10.46
CA SER A 71 -6.72 0.83 9.99
C SER A 71 -7.87 -0.09 9.63
N ASP A 72 -9.11 0.34 9.89
CA ASP A 72 -10.31 -0.42 9.56
C ASP A 72 -10.89 0.22 8.30
N THR A 73 -10.54 -0.35 7.13
CA THR A 73 -10.91 0.34 5.89
C THR A 73 -12.42 0.34 5.69
N ALA A 74 -13.13 -0.66 6.22
CA ALA A 74 -14.58 -0.63 6.15
C ALA A 74 -15.14 0.56 6.95
N ALA A 75 -14.60 0.79 8.15
CA ALA A 75 -15.02 1.93 8.95
C ALA A 75 -14.67 3.24 8.26
N VAL A 76 -13.51 3.29 7.60
CA VAL A 76 -13.11 4.51 6.91
C VAL A 76 -14.04 4.79 5.76
N ALA A 77 -14.31 3.77 4.92
CA ALA A 77 -15.20 3.96 3.78
C ALA A 77 -16.58 4.41 4.24
N ALA A 78 -17.07 3.82 5.34
CA ALA A 78 -18.37 4.21 5.87
C ALA A 78 -18.36 5.64 6.39
N TRP A 79 -17.29 6.04 7.07
CA TRP A 79 -17.18 7.44 7.50
C TRP A 79 -17.11 8.37 6.29
N LEU A 80 -16.36 7.98 5.26
CA LEU A 80 -16.25 8.80 4.05
C LEU A 80 -17.54 8.82 3.26
N ALA A 81 -18.35 7.76 3.34
CA ALA A 81 -19.66 7.76 2.71
C ALA A 81 -20.64 8.63 3.47
N GLY A 82 -20.34 8.97 4.72
CA GLY A 82 -21.11 9.94 5.46
C GLY A 82 -20.68 11.36 5.14
N GLY A 83 -21.30 12.31 5.82
CA GLY A 83 -21.11 13.70 5.47
C GLY A 83 -20.12 14.51 6.26
N ALA A 84 -19.33 13.88 7.14
CA ALA A 84 -18.50 14.69 8.06
C ALA A 84 -17.41 15.45 7.32
N LEU A 85 -16.77 14.81 6.33
CA LEU A 85 -15.71 15.48 5.61
C LEU A 85 -16.27 16.62 4.77
N ARG A 86 -17.39 16.38 4.06
CA ARG A 86 -18.00 17.44 3.26
C ARG A 86 -18.39 18.62 4.14
N SER A 87 -18.94 18.34 5.33
CA SER A 87 -19.32 19.42 6.24
CA SER A 87 -19.32 19.42 6.22
C SER A 87 -18.10 20.25 6.65
N PHE A 88 -16.98 19.58 6.89
CA PHE A 88 -15.80 20.30 7.36
C PHE A 88 -15.21 21.19 6.28
N VAL A 89 -15.23 20.74 5.02
CA VAL A 89 -14.60 21.52 3.95
C VAL A 89 -15.56 22.49 3.26
N ASP A 90 -16.85 22.40 3.51
CA ASP A 90 -17.85 23.28 2.88
C ASP A 90 -17.48 24.74 3.05
N GLY A 91 -17.30 25.43 1.93
CA GLY A 91 -17.03 26.86 1.94
C GLY A 91 -15.58 27.25 2.16
N ALA A 92 -14.68 26.29 2.32
CA ALA A 92 -13.27 26.64 2.53
C ALA A 92 -12.66 27.18 1.24
N SER A 93 -11.65 28.03 1.37
CA SER A 93 -10.87 28.44 0.21
C SER A 93 -9.79 27.44 -0.12
N LEU A 94 -9.20 26.84 0.91
CA LEU A 94 -8.05 25.97 0.76
C LEU A 94 -8.13 24.91 1.84
N VAL A 95 -8.01 23.63 1.46
CA VAL A 95 -7.96 22.55 2.43
C VAL A 95 -6.66 21.78 2.26
N LEU A 96 -5.93 21.61 3.36
CA LEU A 96 -4.72 20.83 3.41
C LEU A 96 -5.02 19.47 4.04
N LEU A 97 -4.55 18.39 3.43
CA LEU A 97 -4.64 17.07 4.03
C LEU A 97 -3.23 16.61 4.39
N PHE A 98 -2.99 16.43 5.69
CA PHE A 98 -1.72 15.88 6.17
C PHE A 98 -1.96 14.41 6.48
N ASN A 99 -1.50 13.53 5.59
CA ASN A 99 -1.65 12.09 5.79
C ASN A 99 -0.49 11.65 6.67
N ASN A 100 -0.68 11.83 7.98
CA ASN A 100 0.37 11.65 8.97
C ASN A 100 0.30 10.32 9.72
N ALA A 101 -0.90 9.81 9.98
CA ALA A 101 -1.02 8.60 10.77
C ALA A 101 -0.31 7.44 10.09
N GLY A 102 0.33 6.59 10.89
CA GLY A 102 1.05 5.44 10.36
C GLY A 102 1.69 4.68 11.50
N VAL A 103 2.04 3.43 11.19
CA VAL A 103 2.72 2.56 12.15
C VAL A 103 3.92 1.92 11.47
N VAL A 104 4.96 1.64 12.26
CA VAL A 104 6.13 0.94 11.75
C VAL A 104 6.05 -0.57 11.98
N ASP A 105 5.16 -1.03 12.85
CA ASP A 105 5.02 -2.46 13.11
C ASP A 105 4.31 -3.15 11.94
N PRO A 106 4.61 -4.44 11.71
CA PRO A 106 5.51 -5.30 12.47
C PRO A 106 6.97 -5.20 12.01
N ILE A 107 7.87 -4.87 12.93
CA ILE A 107 9.29 -4.79 12.64
C ILE A 107 9.90 -6.19 12.65
N GLY A 108 10.87 -6.41 11.76
CA GLY A 108 11.59 -7.66 11.72
C GLY A 108 11.54 -8.28 10.35
N PRO A 109 12.22 -9.42 10.17
CA PRO A 109 12.14 -10.11 8.88
C PRO A 109 10.80 -10.82 8.72
N LEU A 110 10.60 -11.39 7.53
CA LEU A 110 9.34 -12.08 7.22
C LEU A 110 9.00 -13.13 8.27
N ALA A 111 10.03 -13.81 8.80
CA ALA A 111 9.79 -14.86 9.79
C ALA A 111 9.19 -14.32 11.08
N ALA A 112 9.25 -13.01 11.33
CA ALA A 112 8.78 -12.44 12.57
C ALA A 112 7.43 -11.74 12.46
N GLN A 113 6.87 -11.63 11.24
CA GLN A 113 5.75 -10.74 10.99
C GLN A 113 4.42 -11.48 11.13
N ASP A 114 3.57 -10.98 12.02
CA ASP A 114 2.20 -11.49 12.12
C ASP A 114 1.41 -11.01 10.92
N PRO A 115 0.82 -11.90 10.11
CA PRO A 115 0.06 -11.43 8.95
C PRO A 115 -1.06 -10.45 9.29
N ALA A 116 -1.68 -10.58 10.47
CA ALA A 116 -2.71 -9.63 10.86
C ALA A 116 -2.13 -8.24 11.08
N LEU A 117 -0.94 -8.16 11.67
CA LEU A 117 -0.30 -6.87 11.85
C LEU A 117 0.18 -6.29 10.52
N VAL A 118 0.57 -7.15 9.58
CA VAL A 118 0.92 -6.68 8.25
C VAL A 118 -0.29 -6.01 7.59
N ALA A 119 -1.44 -6.67 7.65
CA ALA A 119 -2.66 -6.10 7.07
C ALA A 119 -2.98 -4.74 7.71
N ARG A 120 -2.86 -4.64 9.03
CA ARG A 120 -3.18 -3.40 9.72
C ARG A 120 -2.27 -2.26 9.26
N ALA A 121 -0.97 -2.54 9.11
CA ALA A 121 -0.04 -1.52 8.65
C ALA A 121 -0.36 -1.07 7.23
N VAL A 122 -0.68 -2.01 6.34
CA VAL A 122 -0.98 -1.63 4.97
C VAL A 122 -2.27 -0.82 4.91
N ALA A 123 -3.27 -1.19 5.70
CA ALA A 123 -4.52 -0.44 5.71
C ALA A 123 -4.30 0.98 6.22
N LEU A 124 -3.61 1.12 7.36
CA LEU A 124 -3.41 2.44 7.94
C LEU A 124 -2.47 3.29 7.09
N ASN A 125 -1.37 2.70 6.62
CA ASN A 125 -0.30 3.48 6.02
C ASN A 125 -0.53 3.76 4.53
N VAL A 126 -1.30 2.91 3.85
CA VAL A 126 -1.48 3.04 2.39
C VAL A 126 -2.95 3.28 2.06
N ALA A 127 -3.83 2.39 2.52
CA ALA A 127 -5.22 2.50 2.11
C ALA A 127 -5.86 3.80 2.61
N ALA A 128 -5.63 4.15 3.88
CA ALA A 128 -6.28 5.35 4.40
C ALA A 128 -5.79 6.62 3.70
N PRO A 129 -4.49 6.84 3.51
CA PRO A 129 -4.08 8.05 2.77
C PRO A 129 -4.65 8.08 1.36
N LEU A 130 -4.70 6.94 0.67
CA LEU A 130 -5.18 6.96 -0.70
C LEU A 130 -6.68 7.19 -0.74
N MET A 131 -7.42 6.63 0.22
CA MET A 131 -8.86 6.84 0.28
C MET A 131 -9.19 8.29 0.66
N LEU A 132 -8.49 8.82 1.66
CA LEU A 132 -8.75 10.20 2.09
C LEU A 132 -8.40 11.21 1.01
N SER A 133 -7.36 10.93 0.21
CA SER A 133 -7.00 11.83 -0.87
C SER A 133 -8.12 11.91 -1.88
N ALA A 134 -8.62 10.75 -2.33
CA ALA A 134 -9.74 10.75 -3.25
C ALA A 134 -10.97 11.42 -2.64
N ALA A 135 -11.28 11.12 -1.38
CA ALA A 135 -12.51 11.65 -0.79
C ALA A 135 -12.44 13.16 -0.62
N LEU A 136 -11.26 13.70 -0.26
CA LEU A 136 -11.15 15.14 -0.11
C LEU A 136 -11.45 15.85 -1.42
N VAL A 137 -10.82 15.40 -2.51
CA VAL A 137 -11.08 16.02 -3.81
C VAL A 137 -12.56 15.94 -4.17
N GLN A 138 -13.20 14.84 -3.81
CA GLN A 138 -14.61 14.66 -4.14
C GLN A 138 -15.55 15.42 -3.23
N ALA A 139 -15.10 15.80 -2.02
CA ALA A 139 -15.93 16.54 -1.09
C ALA A 139 -15.82 18.05 -1.29
N ALA A 140 -14.71 18.51 -1.86
CA ALA A 140 -14.40 19.94 -1.97
C ALA A 140 -14.97 20.47 -3.27
N ALA A 141 -16.04 21.24 -3.18
CA ALA A 141 -16.62 21.79 -4.40
C ALA A 141 -15.83 23.02 -4.84
N ALA A 142 -15.93 23.34 -6.12
CA ALA A 142 -15.34 24.57 -6.63
C ALA A 142 -15.87 25.73 -5.80
N PRO A 143 -15.04 26.73 -5.50
CA PRO A 143 -13.65 26.96 -5.90
C PRO A 143 -12.56 26.46 -4.94
N THR A 144 -12.92 25.62 -3.97
CA THR A 144 -11.96 25.18 -2.96
C THR A 144 -10.74 24.52 -3.61
N GLU A 145 -9.55 24.93 -3.18
CA GLU A 145 -8.31 24.30 -3.62
C GLU A 145 -7.91 23.26 -2.58
N CYS A 146 -7.31 22.16 -3.05
CA CYS A 146 -6.87 21.08 -2.17
C CYS A 146 -5.38 20.91 -2.29
N ARG A 147 -4.71 20.69 -1.16
CA ARG A 147 -3.30 20.31 -1.16
C ARG A 147 -3.16 19.05 -0.32
N VAL A 148 -2.60 18.00 -0.90
CA VAL A 148 -2.41 16.73 -0.21
C VAL A 148 -0.93 16.57 0.08
N LEU A 149 -0.58 16.37 1.35
CA LEU A 149 0.79 16.14 1.77
C LEU A 149 0.82 14.75 2.42
N HIS A 150 1.41 13.77 1.73
CA HIS A 150 1.66 12.48 2.35
C HIS A 150 2.89 12.62 3.23
N VAL A 151 2.79 12.24 4.50
CA VAL A 151 3.99 12.17 5.34
C VAL A 151 4.72 10.89 4.96
N SER A 152 5.87 11.03 4.32
CA SER A 152 6.61 9.87 3.84
C SER A 152 7.76 9.58 4.79
N SER A 153 8.89 9.10 4.26
CA SER A 153 10.01 8.70 5.09
C SER A 153 11.22 8.51 4.18
N GLY A 154 12.40 8.67 4.77
CA GLY A 154 13.59 8.18 4.10
C GLY A 154 13.47 6.73 3.72
N ALA A 155 12.70 5.96 4.51
CA ALA A 155 12.47 4.54 4.23
C ALA A 155 11.64 4.31 2.96
N ALA A 156 11.00 5.35 2.41
CA ALA A 156 10.30 5.19 1.14
C ALA A 156 11.27 5.06 -0.02
N ARG A 157 12.49 5.56 0.16
CA ARG A 157 13.48 5.69 -0.90
C ARG A 157 14.71 4.83 -0.67
N ASN A 158 15.03 4.53 0.58
CA ASN A 158 16.10 3.62 0.93
C ASN A 158 15.50 2.43 1.66
N ALA A 159 16.00 1.23 1.38
CA ALA A 159 15.54 0.03 2.06
C ALA A 159 16.38 -0.21 3.31
N TYR A 160 15.71 -0.73 4.35
CA TYR A 160 16.32 -1.00 5.65
C TYR A 160 15.93 -2.38 6.12
N ALA A 161 16.92 -3.16 6.54
CA ALA A 161 16.64 -4.47 7.13
C ALA A 161 15.68 -4.32 8.30
N GLY A 162 14.72 -5.24 8.40
CA GLY A 162 13.73 -5.23 9.45
C GLY A 162 12.52 -4.36 9.20
N TRP A 163 12.59 -3.44 8.23
CA TRP A 163 11.52 -2.50 7.98
C TRP A 163 10.81 -2.73 6.65
N SER A 164 10.73 -3.98 6.19
CA SER A 164 10.18 -4.23 4.85
C SER A 164 8.73 -3.76 4.74
N VAL A 165 7.93 -3.92 5.79
CA VAL A 165 6.53 -3.48 5.71
C VAL A 165 6.45 -1.96 5.65
N TYR A 166 7.11 -1.26 6.58
CA TYR A 166 7.10 0.20 6.57
C TYR A 166 7.64 0.74 5.26
N CYS A 167 8.77 0.21 4.82
CA CYS A 167 9.37 0.63 3.55
C CYS A 167 8.38 0.48 2.41
N ALA A 168 7.73 -0.68 2.32
CA ALA A 168 6.74 -0.89 1.27
C ALA A 168 5.65 0.17 1.31
N THR A 169 5.12 0.46 2.51
CA THR A 169 3.99 1.37 2.58
C THR A 169 4.38 2.80 2.21
N LYS A 170 5.56 3.26 2.62
CA LYS A 170 5.91 4.63 2.30
C LYS A 170 6.34 4.79 0.83
N ALA A 171 6.95 3.76 0.25
CA ALA A 171 7.19 3.77 -1.20
C ALA A 171 5.89 3.92 -1.98
N ALA A 172 4.80 3.33 -1.50
CA ALA A 172 3.51 3.49 -2.17
C ALA A 172 3.07 4.95 -2.19
N LEU A 173 3.23 5.66 -1.07
CA LEU A 173 2.80 7.05 -1.01
C LEU A 173 3.61 7.91 -1.97
N ASP A 174 4.92 7.67 -2.08
CA ASP A 174 5.72 8.43 -3.02
C ASP A 174 5.20 8.26 -4.44
N HIS A 175 4.93 7.02 -4.84
CA HIS A 175 4.58 6.79 -6.24
C HIS A 175 3.14 7.21 -6.52
N HIS A 176 2.27 7.13 -5.52
CA HIS A 176 0.94 7.71 -5.65
C HIS A 176 1.03 9.18 -6.04
N ALA A 177 1.85 9.95 -5.31
CA ALA A 177 2.00 11.36 -5.60
C ALA A 177 2.53 11.59 -7.01
N ARG A 178 3.53 10.80 -7.43
CA ARG A 178 4.08 11.00 -8.78
C ARG A 178 3.00 10.85 -9.84
N ALA A 179 2.10 9.89 -9.66
CA ALA A 179 1.09 9.65 -10.69
C ALA A 179 -0.06 10.65 -10.61
N VAL A 180 -0.51 10.97 -9.40
CA VAL A 180 -1.58 11.98 -9.24
C VAL A 180 -1.17 13.28 -9.90
N ALA A 181 0.12 13.63 -9.80
CA ALA A 181 0.60 14.88 -10.38
C ALA A 181 0.42 14.93 -11.90
N LEU A 182 0.30 13.77 -12.56
CA LEU A 182 0.12 13.72 -14.01
C LEU A 182 -1.33 13.86 -14.44
N ASP A 183 -2.26 13.75 -13.50
CA ASP A 183 -3.69 13.79 -13.80
C ASP A 183 -4.14 15.22 -14.06
N ALA A 184 -5.26 15.35 -14.79
CA ALA A 184 -5.97 16.62 -14.96
C ALA A 184 -6.92 16.79 -13.78
N ASN A 185 -6.47 17.53 -12.78
CA ASN A 185 -7.19 17.82 -11.56
C ASN A 185 -7.67 19.27 -11.58
N ARG A 186 -8.78 19.54 -10.88
CA ARG A 186 -9.31 20.90 -10.89
C ARG A 186 -8.36 21.89 -10.22
N ALA A 187 -8.02 21.62 -8.98
CA ALA A 187 -7.26 22.57 -8.15
C ALA A 187 -6.60 21.76 -7.06
N LEU A 188 -5.60 20.99 -7.45
CA LEU A 188 -4.96 20.02 -6.58
C LEU A 188 -3.45 20.12 -6.72
N ARG A 189 -2.77 20.18 -5.58
CA ARG A 189 -1.33 19.99 -5.51
C ARG A 189 -1.07 18.83 -4.56
N ILE A 190 -0.08 18.00 -4.89
CA ILE A 190 0.23 16.85 -4.05
C ILE A 190 1.75 16.71 -3.92
N CYS A 191 2.20 16.27 -2.75
CA CYS A 191 3.60 15.95 -2.57
C CYS A 191 3.74 14.94 -1.44
N SER A 192 4.64 13.98 -1.60
CA SER A 192 4.98 13.00 -0.59
C SER A 192 6.29 13.44 0.06
N VAL A 193 6.24 13.84 1.33
CA VAL A 193 7.35 14.58 1.96
C VAL A 193 7.93 13.76 3.10
N ALA A 194 9.24 13.53 3.07
CA ALA A 194 9.90 12.92 4.22
C ALA A 194 10.09 13.96 5.30
N PRO A 195 9.65 13.71 6.53
CA PRO A 195 9.68 14.76 7.56
C PRO A 195 10.92 14.81 8.42
N GLY A 196 11.81 13.81 8.33
CA GLY A 196 13.00 13.81 9.16
C GLY A 196 12.81 13.25 10.56
N VAL A 197 11.63 12.76 10.90
CA VAL A 197 11.35 12.13 12.18
C VAL A 197 10.50 10.88 11.94
N VAL A 198 10.42 10.04 12.97
CA VAL A 198 9.62 8.81 12.88
C VAL A 198 8.88 8.57 14.19
N SER A 230 3.39 -8.94 -25.71
CA SER A 230 3.70 -10.25 -25.15
C SER A 230 2.44 -10.95 -24.65
N THR A 231 2.40 -12.28 -24.80
CA THR A 231 1.26 -13.07 -24.36
C THR A 231 1.45 -13.55 -22.93
N PRO A 232 0.36 -13.92 -22.24
CA PRO A 232 0.51 -14.48 -20.89
C PRO A 232 1.34 -15.75 -20.87
N ASP A 233 1.21 -16.60 -21.89
CA ASP A 233 2.02 -17.81 -21.93
C ASP A 233 3.51 -17.47 -22.06
N GLU A 234 3.85 -16.48 -22.89
CA GLU A 234 5.24 -16.08 -23.04
C GLU A 234 5.79 -15.48 -21.76
N ALA A 235 5.02 -14.58 -21.13
CA ALA A 235 5.47 -13.98 -19.88
C ALA A 235 5.63 -15.02 -18.79
N ALA A 236 4.69 -15.95 -18.69
CA ALA A 236 4.78 -17.00 -17.67
C ALA A 236 6.03 -17.85 -17.88
N ARG A 237 6.31 -18.21 -19.13
CA ARG A 237 7.49 -19.01 -19.43
C ARG A 237 8.75 -18.33 -18.91
N HIS A 238 8.86 -17.02 -19.13
CA HIS A 238 10.02 -16.26 -18.66
C HIS A 238 10.07 -16.18 -17.14
N LEU A 239 8.92 -15.92 -16.50
CA LEU A 239 8.91 -15.79 -15.06
C LEU A 239 9.31 -17.09 -14.38
N ILE A 240 8.81 -18.22 -14.88
CA ILE A 240 9.13 -19.50 -14.27
C ILE A 240 10.61 -19.83 -14.46
N ARG A 241 11.12 -19.63 -15.67
CA ARG A 241 12.54 -19.85 -15.92
C ARG A 241 13.40 -19.03 -14.95
N TYR A 242 13.04 -17.76 -14.77
CA TYR A 242 13.79 -16.89 -13.88
C TYR A 242 13.65 -17.35 -12.43
N ALA A 243 12.43 -17.67 -12.00
CA ALA A 243 12.20 -18.12 -10.63
C ALA A 243 13.02 -19.36 -10.28
N LEU A 244 13.22 -20.26 -11.25
CA LEU A 244 13.97 -21.47 -10.98
C LEU A 244 15.48 -21.30 -11.17
N SER A 245 15.92 -20.18 -11.72
CA SER A 245 17.34 -20.04 -12.07
C SER A 245 18.20 -19.83 -10.83
N ASP A 246 19.46 -20.28 -10.93
CA ASP A 246 20.42 -20.07 -9.84
C ASP A 246 20.56 -18.59 -9.50
N ALA A 247 20.35 -17.70 -10.48
CA ALA A 247 20.52 -16.27 -10.29
C ALA A 247 19.32 -15.60 -9.62
N PHE A 248 18.22 -16.31 -9.40
CA PHE A 248 17.04 -15.68 -8.83
C PHE A 248 17.33 -15.13 -7.44
N GLY A 249 16.96 -13.87 -7.22
CA GLY A 249 17.21 -13.22 -5.95
C GLY A 249 18.48 -12.42 -5.89
N ALA A 250 19.36 -12.52 -6.89
CA ALA A 250 20.60 -11.75 -6.87
C ALA A 250 20.31 -10.25 -6.79
N GLU A 251 19.24 -9.81 -7.45
CA GLU A 251 18.75 -8.44 -7.41
C GLU A 251 17.31 -8.44 -6.93
N PRO A 252 16.91 -7.41 -6.18
CA PRO A 252 15.57 -7.41 -5.59
C PRO A 252 14.46 -7.02 -6.55
N THR A 253 14.78 -6.39 -7.68
CA THR A 253 13.78 -6.07 -8.70
C THR A 253 14.31 -6.49 -10.05
N ALA A 254 13.40 -6.68 -11.00
CA ALA A 254 13.77 -7.13 -12.33
C ALA A 254 12.62 -6.84 -13.29
N ASP A 255 12.91 -7.02 -14.58
CA ASP A 255 11.93 -6.91 -15.64
C ASP A 255 12.26 -8.00 -16.65
N VAL A 256 11.27 -8.83 -17.01
CA VAL A 256 11.56 -9.98 -17.88
C VAL A 256 12.06 -9.55 -19.24
N ARG A 257 11.78 -8.30 -19.66
CA ARG A 257 12.27 -7.88 -20.96
C ARG A 257 13.77 -7.68 -20.96
N ASN A 258 14.38 -7.58 -19.79
CA ASN A 258 15.83 -7.47 -19.70
C ASN A 258 16.52 -8.82 -19.63
N LEU A 259 15.76 -9.90 -19.48
CA LEU A 259 16.38 -11.21 -19.28
C LEU A 259 16.76 -11.83 -20.62
N PRO A 260 18.02 -12.23 -20.80
CA PRO A 260 18.45 -13.00 -21.98
C PRO A 260 17.87 -14.42 -21.97
N PRO B 16 5.55 -33.73 -4.75
CA PRO B 16 6.82 -33.44 -5.44
C PRO B 16 7.78 -32.61 -4.60
N ARG B 17 9.06 -32.57 -5.01
CA ARG B 17 10.06 -31.84 -4.25
C ARG B 17 9.93 -30.33 -4.45
N VAL B 18 9.52 -29.89 -5.64
CA VAL B 18 9.34 -28.47 -5.95
C VAL B 18 7.86 -28.18 -6.03
N ARG B 19 7.41 -27.15 -5.32
CA ARG B 19 6.01 -26.77 -5.26
C ARG B 19 5.88 -25.28 -5.46
N ALA B 20 4.68 -24.83 -5.88
CA ALA B 20 4.48 -23.43 -6.17
C ALA B 20 3.07 -23.00 -5.75
N ILE B 21 2.98 -21.76 -5.28
CA ILE B 21 1.72 -21.11 -4.96
C ILE B 21 1.50 -20.00 -5.98
N VAL B 22 0.34 -20.01 -6.64
CA VAL B 22 0.01 -18.99 -7.63
C VAL B 22 -1.32 -18.35 -7.23
N THR B 23 -1.28 -17.06 -6.93
CA THR B 23 -2.51 -16.34 -6.64
C THR B 23 -3.11 -15.78 -7.93
N GLY B 24 -4.44 -15.68 -7.96
CA GLY B 24 -5.10 -15.21 -9.17
C GLY B 24 -4.85 -16.10 -10.36
N HIS B 25 -4.92 -17.40 -10.16
CA HIS B 25 -4.52 -18.40 -11.14
C HIS B 25 -5.64 -18.78 -12.12
N THR B 26 -6.80 -18.14 -12.06
CA THR B 26 -7.92 -18.60 -12.85
C THR B 26 -7.97 -18.03 -14.25
N ARG B 27 -7.18 -17.00 -14.55
CA ARG B 27 -7.20 -16.37 -15.86
C ARG B 27 -5.87 -15.66 -16.08
N GLY B 28 -5.64 -15.28 -17.34
CA GLY B 28 -4.51 -14.43 -17.66
C GLY B 28 -3.16 -15.02 -17.28
N LEU B 29 -2.27 -14.16 -16.78
CA LEU B 29 -0.92 -14.59 -16.45
C LEU B 29 -0.93 -15.66 -15.36
N GLY B 30 -1.83 -15.52 -14.38
CA GLY B 30 -1.89 -16.51 -13.32
C GLY B 30 -2.25 -17.89 -13.83
N ALA B 31 -3.19 -17.96 -14.78
CA ALA B 31 -3.55 -19.25 -15.37
C ALA B 31 -2.38 -19.84 -16.14
N SER B 32 -1.66 -18.99 -16.90
CA SER B 32 -0.50 -19.48 -17.64
C SER B 32 0.58 -19.99 -16.70
N LEU B 33 0.80 -19.29 -15.59
CA LEU B 33 1.77 -19.75 -14.60
C LEU B 33 1.39 -21.12 -14.07
N ALA B 34 0.13 -21.28 -13.64
CA ALA B 34 -0.31 -22.55 -13.07
C ALA B 34 -0.21 -23.68 -14.08
N GLU B 35 -0.66 -23.44 -15.31
CA GLU B 35 -0.63 -24.49 -16.33
C GLU B 35 0.80 -24.94 -16.61
N GLN B 36 1.74 -23.99 -16.70
CA GLN B 36 3.10 -24.35 -17.10
C GLN B 36 3.87 -24.98 -15.94
N LEU B 37 3.65 -24.52 -14.71
CA LEU B 37 4.24 -25.18 -13.56
C LEU B 37 3.83 -26.65 -13.51
N LEU B 38 2.53 -26.92 -13.72
CA LEU B 38 2.06 -28.29 -13.75
C LEU B 38 2.71 -29.10 -14.87
N GLN B 39 3.07 -28.43 -15.97
CA GLN B 39 3.70 -29.15 -17.08
C GLN B 39 5.15 -29.55 -16.78
N GLN B 40 5.83 -28.88 -15.86
CA GLN B 40 7.18 -29.28 -15.47
C GLN B 40 7.23 -29.92 -14.08
N ASP B 41 6.17 -30.68 -13.75
CA ASP B 41 6.15 -31.59 -12.61
C ASP B 41 6.20 -30.88 -11.26
N ILE B 42 5.74 -29.63 -11.21
CA ILE B 42 5.73 -28.84 -9.99
C ILE B 42 4.29 -28.79 -9.47
N ALA B 43 4.11 -29.15 -8.20
CA ALA B 43 2.79 -29.09 -7.58
C ALA B 43 2.37 -27.64 -7.38
N VAL B 44 1.09 -27.36 -7.64
CA VAL B 44 0.59 -25.99 -7.62
C VAL B 44 -0.57 -25.88 -6.65
N LEU B 45 -0.48 -24.88 -5.76
CA LEU B 45 -1.60 -24.44 -4.93
C LEU B 45 -2.11 -23.13 -5.52
N GLY B 46 -3.31 -23.17 -6.10
CA GLY B 46 -3.92 -21.98 -6.65
C GLY B 46 -4.82 -21.33 -5.63
N VAL B 47 -4.64 -20.02 -5.44
CA VAL B 47 -5.40 -19.25 -4.46
C VAL B 47 -6.09 -18.10 -5.19
N SER B 48 -7.41 -18.23 -5.37
CA SER B 48 -8.17 -17.20 -6.05
C SER B 48 -9.59 -17.24 -5.50
N ARG B 49 -10.40 -16.26 -5.91
CA ARG B 49 -11.77 -16.18 -5.40
C ARG B 49 -12.60 -17.37 -5.87
N SER B 50 -12.39 -17.82 -7.10
CA SER B 50 -13.02 -19.02 -7.62
C SER B 50 -11.94 -19.96 -8.14
N ARG B 51 -12.36 -21.12 -8.64
CA ARG B 51 -11.45 -22.10 -9.17
C ARG B 51 -11.17 -21.84 -10.64
N HIS B 52 -10.07 -22.37 -11.13
CA HIS B 52 -9.77 -22.31 -12.55
C HIS B 52 -10.87 -23.05 -13.33
N PRO B 53 -11.28 -22.53 -14.49
CA PRO B 53 -12.46 -23.10 -15.17
C PRO B 53 -12.26 -24.51 -15.73
N SER B 54 -11.05 -25.07 -15.72
CA SER B 54 -10.86 -26.37 -16.37
C SER B 54 -9.61 -27.10 -15.90
N LEU B 55 -8.74 -26.43 -15.15
CA LEU B 55 -7.42 -27.00 -14.87
C LEU B 55 -7.52 -28.26 -14.03
N ALA B 56 -8.38 -28.25 -13.00
CA ALA B 56 -8.45 -29.37 -12.06
C ALA B 56 -8.85 -30.67 -12.72
N ALA B 57 -9.53 -30.63 -13.87
CA ALA B 57 -9.93 -31.86 -14.54
C ALA B 57 -8.73 -32.64 -15.04
N THR B 58 -7.73 -31.94 -15.60
CA THR B 58 -6.57 -32.59 -16.17
C THR B 58 -5.42 -32.75 -15.18
N ALA B 59 -5.51 -32.13 -14.00
CA ALA B 59 -4.35 -31.98 -13.13
C ALA B 59 -4.18 -33.10 -12.11
N GLY B 60 -5.25 -33.82 -11.76
CA GLY B 60 -5.11 -34.82 -10.74
C GLY B 60 -4.80 -34.22 -9.37
N ASP B 61 -3.98 -34.93 -8.60
CA ASP B 61 -3.61 -34.48 -7.26
C ASP B 61 -2.48 -33.46 -7.26
N ARG B 62 -1.94 -33.12 -8.43
CA ARG B 62 -0.85 -32.15 -8.51
C ARG B 62 -1.32 -30.70 -8.37
N LEU B 63 -2.63 -30.45 -8.43
CA LEU B 63 -3.19 -29.12 -8.26
C LEU B 63 -4.13 -29.13 -7.05
N VAL B 64 -3.93 -28.17 -6.16
CA VAL B 64 -4.83 -27.90 -5.04
C VAL B 64 -5.35 -26.48 -5.22
N GLU B 65 -6.66 -26.28 -5.06
CA GLU B 65 -7.28 -24.98 -5.30
C GLU B 65 -7.97 -24.51 -4.03
N THR B 66 -7.59 -23.33 -3.55
CA THR B 66 -8.23 -22.70 -2.40
C THR B 66 -9.09 -21.55 -2.89
N GLU B 67 -10.36 -21.54 -2.47
CA GLU B 67 -11.25 -20.44 -2.78
C GLU B 67 -11.15 -19.43 -1.64
N LEU B 68 -10.55 -18.28 -1.93
CA LEU B 68 -10.24 -17.28 -0.92
C LEU B 68 -10.26 -15.92 -1.57
N ASP B 69 -10.97 -14.97 -0.96
CA ASP B 69 -11.01 -13.60 -1.45
C ASP B 69 -9.79 -12.87 -0.90
N LEU B 70 -8.76 -12.73 -1.73
CA LEU B 70 -7.51 -12.13 -1.29
C LEU B 70 -7.63 -10.63 -1.00
N SER B 71 -8.76 -10.00 -1.32
CA SER B 71 -8.99 -8.62 -0.94
C SER B 71 -9.62 -8.50 0.44
N ASP B 72 -9.96 -9.62 1.07
CA ASP B 72 -10.55 -9.65 2.41
C ASP B 72 -9.42 -10.03 3.37
N THR B 73 -8.76 -9.02 3.94
CA THR B 73 -7.56 -9.31 4.73
C THR B 73 -7.92 -10.08 6.00
N ALA B 74 -9.14 -9.92 6.52
CA ALA B 74 -9.57 -10.74 7.65
C ALA B 74 -9.65 -12.21 7.24
N ALA B 75 -10.22 -12.49 6.07
CA ALA B 75 -10.30 -13.87 5.60
C ALA B 75 -8.92 -14.43 5.28
N VAL B 76 -8.04 -13.61 4.73
CA VAL B 76 -6.70 -14.07 4.43
C VAL B 76 -5.96 -14.42 5.72
N ALA B 77 -6.00 -13.53 6.70
CA ALA B 77 -5.33 -13.80 7.98
C ALA B 77 -5.87 -15.07 8.62
N ALA B 78 -7.18 -15.28 8.57
CA ALA B 78 -7.77 -16.47 9.17
C ALA B 78 -7.35 -17.73 8.43
N TRP B 79 -7.26 -17.66 7.10
CA TRP B 79 -6.81 -18.81 6.33
C TRP B 79 -5.36 -19.13 6.63
N LEU B 80 -4.50 -18.10 6.69
CA LEU B 80 -3.11 -18.31 7.06
C LEU B 80 -2.97 -18.80 8.50
N ALA B 81 -3.96 -18.55 9.34
CA ALA B 81 -3.92 -19.05 10.71
C ALA B 81 -4.20 -20.53 10.79
N GLY B 82 -4.86 -21.10 9.78
CA GLY B 82 -5.07 -22.53 9.71
C GLY B 82 -3.85 -23.25 9.16
N GLY B 83 -4.03 -24.55 8.94
CA GLY B 83 -2.92 -25.40 8.53
C GLY B 83 -2.79 -25.70 7.06
N ALA B 84 -3.53 -25.00 6.19
CA ALA B 84 -3.53 -25.36 4.77
C ALA B 84 -2.18 -25.09 4.13
N LEU B 85 -1.63 -23.89 4.32
CA LEU B 85 -0.34 -23.55 3.73
C LEU B 85 0.78 -24.42 4.27
N ARG B 86 0.80 -24.62 5.60
CA ARG B 86 1.81 -25.49 6.20
C ARG B 86 1.69 -26.91 5.66
N SER B 87 0.46 -27.37 5.42
CA SER B 87 0.27 -28.72 4.90
C SER B 87 0.73 -28.83 3.46
N PHE B 88 0.57 -27.77 2.67
CA PHE B 88 0.97 -27.83 1.26
C PHE B 88 2.48 -27.85 1.09
N VAL B 89 3.20 -27.07 1.91
CA VAL B 89 4.65 -26.97 1.78
C VAL B 89 5.39 -27.99 2.63
N ASP B 90 4.68 -28.81 3.39
CA ASP B 90 5.33 -29.77 4.28
C ASP B 90 6.14 -30.79 3.48
N GLY B 91 7.46 -30.79 3.71
CA GLY B 91 8.34 -31.74 3.08
C GLY B 91 8.95 -31.28 1.77
N ALA B 92 8.54 -30.14 1.24
CA ALA B 92 9.08 -29.66 -0.02
C ALA B 92 10.55 -29.28 0.14
N SER B 93 11.30 -29.40 -0.95
CA SER B 93 12.67 -28.88 -0.97
C SER B 93 12.73 -27.44 -1.48
N LEU B 94 11.80 -27.04 -2.33
CA LEU B 94 11.75 -25.68 -2.85
C LEU B 94 10.29 -25.29 -3.03
N VAL B 95 9.91 -24.12 -2.52
CA VAL B 95 8.57 -23.58 -2.68
C VAL B 95 8.66 -22.22 -3.33
N LEU B 96 7.95 -22.05 -4.44
CA LEU B 96 7.86 -20.78 -5.13
C LEU B 96 6.53 -20.13 -4.82
N LEU B 97 6.56 -18.82 -4.54
CA LEU B 97 5.34 -18.04 -4.36
C LEU B 97 5.29 -16.99 -5.46
N PHE B 98 4.28 -17.10 -6.33
CA PHE B 98 4.03 -16.12 -7.39
C PHE B 98 2.88 -15.24 -6.93
N ASN B 99 3.20 -14.04 -6.46
CA ASN B 99 2.20 -13.08 -6.01
C ASN B 99 1.68 -12.36 -7.25
N ASN B 100 0.71 -13.01 -7.90
CA ASN B 100 0.20 -12.58 -9.20
C ASN B 100 -1.13 -11.85 -9.12
N ALA B 101 -1.98 -12.18 -8.15
CA ALA B 101 -3.31 -11.55 -8.12
C ALA B 101 -3.20 -10.03 -8.00
N GLY B 102 -4.04 -9.32 -8.73
CA GLY B 102 -4.05 -7.86 -8.63
C GLY B 102 -5.19 -7.28 -9.44
N VAL B 103 -5.51 -6.03 -9.13
CA VAL B 103 -6.49 -5.27 -9.91
C VAL B 103 -5.92 -3.91 -10.27
N VAL B 104 -6.32 -3.41 -11.45
CA VAL B 104 -5.91 -2.07 -11.86
C VAL B 104 -6.92 -1.01 -11.46
N ASP B 105 -8.17 -1.38 -11.19
CA ASP B 105 -9.18 -0.40 -10.79
C ASP B 105 -8.92 0.08 -9.36
N PRO B 106 -9.34 1.31 -9.03
CA PRO B 106 -10.06 2.27 -9.87
C PRO B 106 -9.14 3.14 -10.71
N ILE B 107 -9.41 3.14 -12.02
CA ILE B 107 -8.65 3.94 -12.97
CA ILE B 107 -8.67 3.94 -12.98
C ILE B 107 -9.30 5.33 -13.05
N GLY B 108 -8.48 6.35 -13.03
CA GLY B 108 -8.92 7.72 -13.16
C GLY B 108 -8.23 8.63 -12.16
N PRO B 109 -8.51 9.92 -12.27
CA PRO B 109 -7.97 10.89 -11.30
C PRO B 109 -8.64 10.73 -9.94
N LEU B 110 -8.08 11.40 -8.94
CA LEU B 110 -8.65 11.32 -7.59
C LEU B 110 -10.14 11.62 -7.59
N ALA B 111 -10.58 12.57 -8.42
CA ALA B 111 -12.00 12.95 -8.42
C ALA B 111 -12.92 11.81 -8.83
N ALA B 112 -12.38 10.78 -9.50
CA ALA B 112 -13.20 9.71 -10.05
C ALA B 112 -13.12 8.41 -9.27
N GLN B 113 -12.21 8.29 -8.30
CA GLN B 113 -11.93 6.99 -7.66
C GLN B 113 -12.88 6.73 -6.50
N ASP B 114 -13.60 5.61 -6.57
CA ASP B 114 -14.43 5.18 -5.44
C ASP B 114 -13.52 4.77 -4.28
N PRO B 115 -13.62 5.39 -3.10
CA PRO B 115 -12.74 4.98 -2.00
C PRO B 115 -12.85 3.50 -1.65
N ALA B 116 -14.04 2.90 -1.80
CA ALA B 116 -14.18 1.47 -1.53
C ALA B 116 -13.33 0.64 -2.48
N LEU B 117 -13.26 1.04 -3.75
CA LEU B 117 -12.40 0.32 -4.70
C LEU B 117 -10.93 0.60 -4.46
N VAL B 118 -10.59 1.80 -3.98
CA VAL B 118 -9.22 2.07 -3.56
C VAL B 118 -8.81 1.08 -2.48
N ALA B 119 -9.65 0.93 -1.45
CA ALA B 119 -9.35 0.00 -0.38
C ALA B 119 -9.17 -1.42 -0.90
N ARG B 120 -10.03 -1.85 -1.82
CA ARG B 120 -9.93 -3.21 -2.34
C ARG B 120 -8.64 -3.42 -3.11
N ALA B 121 -8.21 -2.42 -3.89
CA ALA B 121 -6.96 -2.54 -4.64
C ALA B 121 -5.78 -2.63 -3.69
N VAL B 122 -5.78 -1.84 -2.62
CA VAL B 122 -4.63 -1.87 -1.72
C VAL B 122 -4.58 -3.19 -0.97
N ALA B 123 -5.75 -3.72 -0.59
CA ALA B 123 -5.79 -4.99 0.11
C ALA B 123 -5.30 -6.12 -0.77
N LEU B 124 -5.83 -6.20 -1.99
CA LEU B 124 -5.45 -7.26 -2.91
C LEU B 124 -4.02 -7.12 -3.38
N ASN B 125 -3.61 -5.90 -3.75
CA ASN B 125 -2.34 -5.72 -4.45
C ASN B 125 -1.15 -5.63 -3.51
N VAL B 126 -1.37 -5.19 -2.26
CA VAL B 126 -0.27 -4.97 -1.32
C VAL B 126 -0.40 -5.86 -0.09
N ALA B 127 -1.54 -5.79 0.60
CA ALA B 127 -1.66 -6.56 1.84
C ALA B 127 -1.48 -8.05 1.59
N ALA B 128 -2.20 -8.59 0.62
CA ALA B 128 -2.13 -10.04 0.40
C ALA B 128 -0.73 -10.53 0.04
N PRO B 129 0.00 -9.95 -0.92
CA PRO B 129 1.37 -10.43 -1.16
C PRO B 129 2.26 -10.35 0.06
N LEU B 130 2.16 -9.27 0.84
CA LEU B 130 3.00 -9.12 2.01
C LEU B 130 2.61 -10.12 3.09
N MET B 131 1.30 -10.39 3.26
CA MET B 131 0.87 -11.38 4.23
C MET B 131 1.31 -12.79 3.83
N LEU B 132 1.10 -13.15 2.55
CA LEU B 132 1.48 -14.47 2.09
C LEU B 132 2.99 -14.68 2.17
N SER B 133 3.77 -13.66 1.84
CA SER B 133 5.23 -13.79 1.91
C SER B 133 5.68 -14.13 3.33
N ALA B 134 5.20 -13.37 4.32
CA ALA B 134 5.55 -13.66 5.70
C ALA B 134 5.08 -15.04 6.12
N ALA B 135 3.84 -15.40 5.77
CA ALA B 135 3.30 -16.69 6.18
C ALA B 135 4.05 -17.86 5.53
N LEU B 136 4.51 -17.69 4.29
CA LEU B 136 5.23 -18.78 3.63
C LEU B 136 6.52 -19.09 4.38
N VAL B 137 7.31 -18.07 4.69
CA VAL B 137 8.56 -18.26 5.43
C VAL B 137 8.30 -18.96 6.76
N GLN B 138 7.22 -18.56 7.44
CA GLN B 138 6.89 -19.14 8.74
C GLN B 138 6.38 -20.58 8.61
N ALA B 139 5.71 -20.92 7.51
CA ALA B 139 5.14 -22.25 7.35
C ALA B 139 6.15 -23.28 6.85
N ALA B 140 7.24 -22.83 6.23
CA ALA B 140 8.23 -23.74 5.66
C ALA B 140 9.31 -24.06 6.69
N ALA B 141 9.41 -25.33 7.07
CA ALA B 141 10.45 -25.76 7.97
C ALA B 141 11.73 -26.07 7.19
N ALA B 142 12.87 -25.88 7.84
CA ALA B 142 14.14 -26.19 7.22
C ALA B 142 14.17 -27.67 6.83
N PRO B 143 14.90 -28.04 5.76
CA PRO B 143 15.74 -27.18 4.92
C PRO B 143 15.02 -26.64 3.69
N THR B 144 13.70 -26.49 3.76
CA THR B 144 12.95 -26.00 2.62
C THR B 144 13.45 -24.61 2.22
N GLU B 145 13.71 -24.43 0.93
CA GLU B 145 14.03 -23.13 0.37
C GLU B 145 12.77 -22.46 -0.15
N CYS B 146 12.66 -21.16 0.08
CA CYS B 146 11.51 -20.38 -0.39
C CYS B 146 11.98 -19.33 -1.39
N ARG B 147 11.20 -19.16 -2.45
CA ARG B 147 11.45 -18.11 -3.44
C ARG B 147 10.15 -17.35 -3.65
N VAL B 148 10.18 -16.06 -3.37
CA VAL B 148 9.01 -15.19 -3.49
C VAL B 148 9.21 -14.31 -4.72
N LEU B 149 8.25 -14.36 -5.64
CA LEU B 149 8.27 -13.52 -6.83
C LEU B 149 7.03 -12.64 -6.80
N HIS B 150 7.21 -11.35 -6.57
CA HIS B 150 6.11 -10.40 -6.70
C HIS B 150 5.95 -10.06 -8.17
N VAL B 151 4.75 -10.22 -8.71
CA VAL B 151 4.48 -9.76 -10.06
C VAL B 151 4.31 -8.24 -10.00
N SER B 152 5.27 -7.53 -10.58
CA SER B 152 5.29 -6.08 -10.53
C SER B 152 4.83 -5.53 -11.87
N SER B 153 5.35 -4.37 -12.24
CA SER B 153 4.92 -3.68 -13.46
C SER B 153 5.91 -2.57 -13.73
N GLY B 154 6.03 -2.19 -15.00
CA GLY B 154 6.70 -0.93 -15.29
C GLY B 154 6.07 0.23 -14.53
N ALA B 155 4.79 0.12 -14.21
CA ALA B 155 4.10 1.14 -13.44
C ALA B 155 4.57 1.23 -11.99
N ALA B 156 5.31 0.25 -11.49
CA ALA B 156 5.92 0.38 -10.16
C ALA B 156 7.04 1.40 -10.15
N ARG B 157 7.64 1.67 -11.30
CA ARG B 157 8.83 2.48 -11.44
C ARG B 157 8.61 3.74 -12.25
N ASN B 158 7.55 3.78 -13.07
CA ASN B 158 7.20 4.93 -13.88
C ASN B 158 5.78 5.32 -13.50
N ALA B 159 5.51 6.62 -13.49
CA ALA B 159 4.18 7.11 -13.15
C ALA B 159 3.36 7.35 -14.39
N TYR B 160 2.05 7.07 -14.30
CA TYR B 160 1.14 7.18 -15.44
C TYR B 160 -0.17 7.81 -14.99
N ALA B 161 -0.61 8.82 -15.74
CA ALA B 161 -1.90 9.45 -15.46
C ALA B 161 -3.01 8.42 -15.45
N GLY B 162 -3.91 8.55 -14.48
CA GLY B 162 -5.03 7.64 -14.32
C GLY B 162 -4.73 6.40 -13.50
N TRP B 163 -3.45 6.07 -13.32
CA TRP B 163 -3.06 4.80 -12.72
C TRP B 163 -2.44 4.99 -11.34
N SER B 164 -2.83 6.05 -10.62
CA SER B 164 -2.14 6.35 -9.37
C SER B 164 -2.29 5.23 -8.34
N VAL B 165 -3.43 4.56 -8.31
CA VAL B 165 -3.61 3.50 -7.31
C VAL B 165 -2.75 2.29 -7.67
N TYR B 166 -2.84 1.84 -8.92
CA TYR B 166 -2.03 0.70 -9.36
C TYR B 166 -0.54 0.99 -9.19
N CYS B 167 -0.11 2.18 -9.64
CA CYS B 167 1.28 2.60 -9.48
C CYS B 167 1.73 2.50 -8.02
N ALA B 168 0.93 3.07 -7.11
CA ALA B 168 1.28 3.02 -5.70
C ALA B 168 1.45 1.59 -5.22
N THR B 169 0.52 0.70 -5.59
CA THR B 169 0.55 -0.67 -5.07
C THR B 169 1.77 -1.44 -5.58
N LYS B 170 2.15 -1.25 -6.84
CA LYS B 170 3.28 -2.02 -7.35
C LYS B 170 4.59 -1.45 -6.87
N ALA B 171 4.66 -0.13 -6.65
CA ALA B 171 5.85 0.44 -6.04
C ALA B 171 6.09 -0.14 -4.64
N ALA B 172 5.02 -0.44 -3.91
CA ALA B 172 5.16 -1.05 -2.59
C ALA B 172 5.80 -2.43 -2.69
N LEU B 173 5.41 -3.22 -3.70
CA LEU B 173 6.00 -4.54 -3.87
C LEU B 173 7.50 -4.45 -4.16
N ASP B 174 7.91 -3.50 -5.01
CA ASP B 174 9.34 -3.34 -5.29
C ASP B 174 10.12 -3.07 -4.01
N HIS B 175 9.64 -2.13 -3.20
CA HIS B 175 10.45 -1.73 -2.05
C HIS B 175 10.40 -2.77 -0.94
N HIS B 176 9.29 -3.50 -0.83
CA HIS B 176 9.22 -4.65 0.05
C HIS B 176 10.35 -5.63 -0.26
N ALA B 177 10.51 -5.96 -1.54
CA ALA B 177 11.56 -6.90 -1.93
C ALA B 177 12.95 -6.37 -1.62
N ARG B 178 13.17 -5.07 -1.84
CA ARG B 178 14.48 -4.49 -1.54
C ARG B 178 14.82 -4.65 -0.07
N ALA B 179 13.86 -4.41 0.82
CA ALA B 179 14.12 -4.50 2.24
C ALA B 179 14.24 -5.95 2.71
N VAL B 180 13.34 -6.82 2.24
CA VAL B 180 13.43 -8.24 2.58
C VAL B 180 14.80 -8.80 2.18
N ALA B 181 15.33 -8.35 1.04
CA ALA B 181 16.64 -8.82 0.61
C ALA B 181 17.74 -8.48 1.60
N LEU B 182 17.60 -7.34 2.29
CA LEU B 182 18.61 -6.93 3.28
C LEU B 182 18.50 -7.74 4.58
N ASP B 183 17.39 -8.44 4.80
CA ASP B 183 17.23 -9.21 6.03
C ASP B 183 18.12 -10.45 6.00
N ALA B 187 17.80 -18.93 3.33
CA ALA B 187 16.88 -19.90 2.75
C ALA B 187 15.73 -19.20 2.02
N LEU B 188 15.90 -17.90 1.76
CA LEU B 188 14.87 -17.11 1.10
C LEU B 188 15.50 -16.29 -0.02
N ARG B 189 14.86 -16.33 -1.18
CA ARG B 189 15.18 -15.44 -2.28
C ARG B 189 13.92 -14.69 -2.65
N ILE B 190 14.04 -13.40 -2.93
CA ILE B 190 12.88 -12.59 -3.28
C ILE B 190 13.23 -11.68 -4.45
N CYS B 191 12.26 -11.46 -5.34
CA CYS B 191 12.40 -10.49 -6.40
C CYS B 191 11.04 -9.99 -6.84
N SER B 192 10.95 -8.69 -7.11
CA SER B 192 9.75 -8.05 -7.63
C SER B 192 9.96 -7.84 -9.13
N VAL B 193 9.28 -8.63 -9.95
CA VAL B 193 9.60 -8.77 -11.36
C VAL B 193 8.44 -8.23 -12.20
N ALA B 194 8.72 -7.26 -13.06
CA ALA B 194 7.73 -6.82 -14.04
C ALA B 194 7.65 -7.83 -15.18
N PRO B 195 6.45 -8.29 -15.55
CA PRO B 195 6.33 -9.36 -16.57
C PRO B 195 6.27 -8.88 -18.01
N GLY B 196 6.24 -7.57 -18.25
CA GLY B 196 6.18 -7.04 -19.60
C GLY B 196 4.78 -6.87 -20.18
N VAL B 197 3.74 -7.29 -19.47
CA VAL B 197 2.38 -7.18 -20.01
C VAL B 197 1.36 -6.83 -18.95
N SER B 230 16.21 16.03 14.50
CA SER B 230 15.06 16.91 14.42
C SER B 230 14.03 16.57 15.50
N THR B 231 13.06 17.45 15.70
CA THR B 231 11.98 17.23 16.64
C THR B 231 10.66 17.35 15.90
N PRO B 232 9.58 16.78 16.46
CA PRO B 232 8.27 16.96 15.81
C PRO B 232 7.86 18.40 15.63
N ASP B 233 8.14 19.27 16.61
CA ASP B 233 7.74 20.67 16.46
C ASP B 233 8.47 21.33 15.29
N GLU B 234 9.76 21.07 15.16
CA GLU B 234 10.53 21.64 14.04
C GLU B 234 10.07 21.06 12.72
N ALA B 235 9.85 19.75 12.68
CA ALA B 235 9.39 19.11 11.44
C ALA B 235 8.05 19.68 11.01
N ALA B 236 7.13 19.81 11.96
CA ALA B 236 5.80 20.36 11.65
C ALA B 236 5.92 21.77 11.08
N ARG B 237 6.80 22.58 11.67
CA ARG B 237 6.99 23.94 11.21
C ARG B 237 7.42 23.95 9.74
N HIS B 238 8.37 23.08 9.38
CA HIS B 238 8.83 23.04 8.00
C HIS B 238 7.74 22.52 7.07
N LEU B 239 6.99 21.49 7.50
CA LEU B 239 5.96 20.91 6.64
C LEU B 239 4.84 21.91 6.36
N ILE B 240 4.42 22.65 7.38
CA ILE B 240 3.31 23.58 7.19
C ILE B 240 3.73 24.71 6.26
N ARG B 241 4.92 25.27 6.49
CA ARG B 241 5.40 26.33 5.61
C ARG B 241 5.47 25.83 4.18
N TYR B 242 5.99 24.61 3.98
CA TYR B 242 6.06 24.05 2.63
C TYR B 242 4.69 23.87 2.04
N ALA B 243 3.76 23.31 2.82
CA ALA B 243 2.42 23.03 2.29
C ALA B 243 1.72 24.30 1.84
N LEU B 244 1.97 25.43 2.51
CA LEU B 244 1.32 26.69 2.15
C LEU B 244 2.06 27.46 1.06
N SER B 245 3.26 27.03 0.69
CA SER B 245 4.12 27.80 -0.21
C SER B 245 3.67 27.65 -1.66
N ASP B 246 4.02 28.66 -2.47
CA ASP B 246 3.68 28.60 -3.89
C ASP B 246 4.39 27.45 -4.59
N ALA B 247 5.52 26.98 -4.06
CA ALA B 247 6.25 25.90 -4.68
C ALA B 247 5.65 24.53 -4.39
N PHE B 248 4.64 24.44 -3.53
CA PHE B 248 4.14 23.13 -3.13
C PHE B 248 3.51 22.40 -4.31
N GLY B 249 3.92 21.16 -4.52
CA GLY B 249 3.43 20.39 -5.65
C GLY B 249 4.26 20.49 -6.90
N ALA B 250 5.27 21.38 -6.94
CA ALA B 250 6.14 21.46 -8.12
C ALA B 250 6.93 20.19 -8.33
N GLU B 251 7.30 19.51 -7.26
CA GLU B 251 7.90 18.19 -7.25
C GLU B 251 6.95 17.24 -6.55
N PRO B 252 6.76 16.02 -7.04
CA PRO B 252 5.84 15.12 -6.34
C PRO B 252 6.41 14.49 -5.09
N THR B 253 7.74 14.51 -4.88
CA THR B 253 8.33 14.06 -3.64
C THR B 253 9.29 15.12 -3.13
N ALA B 254 9.49 15.13 -1.81
CA ALA B 254 10.36 16.12 -1.17
C ALA B 254 10.87 15.55 0.15
N ASP B 255 11.85 16.25 0.71
CA ASP B 255 12.44 15.91 2.00
C ASP B 255 12.68 17.23 2.71
N VAL B 256 12.21 17.35 3.96
CA VAL B 256 12.33 18.62 4.67
C VAL B 256 13.78 19.04 4.80
N ARG B 257 14.72 18.10 4.70
CA ARG B 257 16.13 18.45 4.83
C ARG B 257 16.64 19.26 3.64
N ASN B 258 15.93 19.25 2.49
CA ASN B 258 16.37 19.96 1.28
C ASN B 258 15.14 20.60 0.63
N LEU B 259 14.73 21.74 1.17
CA LEU B 259 13.54 22.47 0.73
C LEU B 259 12.28 21.63 0.89
#